data_6BNZ
#
_entry.id   6BNZ
#
_cell.length_a   69.890
_cell.length_b   69.890
_cell.length_c   119.690
_cell.angle_alpha   90.00
_cell.angle_beta   90.00
_cell.angle_gamma   90.00
#
_symmetry.space_group_name_H-M   'P 41 21 2'
#
loop_
_entity.id
_entity.type
_entity.pdbx_description
1 polymer 'Lactoylglutathione lyase'
2 non-polymer 'COBALT (II) ION'
3 non-polymer GLUTATHIONE
4 non-polymer 'FORMIC ACID'
5 water water
#
_entity_poly.entity_id   1
_entity_poly.type   'polypeptide(L)'
_entity_poly.pdbx_seq_one_letter_code
;GSHMASMATGSEASKAAEAVVDWHKHDSKRMLHAVYRVGDLDRTIKYYTECFGMKLLRKRDVPDEKYTNAFLGFGPENTN
FAVELTYNYGVDKYDIGTGFGHFAIANDDVYKLAENIKSKGGKITREPGPVKGGSTVIAFAQDPDGYMFQLIQRADTPEP
LCQVMLRVGDLERSIKFYEKALGMKLLRKKDVPDYKYTIAMLGYADEDKTTVLELTYNYGVTEYSKGNAYAQVAIGTNDV
YKSAEAVDLATKELGGKILRQPGPLPGINTKIASFVDPDGWKVVLVDNTDFLKELH
;
_entity_poly.pdbx_strand_id   A
#
loop_
_chem_comp.id
_chem_comp.type
_chem_comp.name
_chem_comp.formula
CO non-polymer 'COBALT (II) ION' 'Co 2'
FMT non-polymer 'FORMIC ACID' 'C H2 O2'
GSH non-polymer GLUTATHIONE 'C10 H17 N3 O6 S'
#
# COMPACT_ATOMS: atom_id res chain seq x y z
N VAL A 20 8.36 18.33 -20.50
CA VAL A 20 9.39 18.28 -19.42
C VAL A 20 8.84 17.66 -18.10
N VAL A 21 7.95 16.69 -18.25
CA VAL A 21 7.57 15.79 -17.16
C VAL A 21 8.34 14.44 -17.31
N ASP A 22 9.38 14.47 -18.18
CA ASP A 22 10.60 13.59 -18.12
C ASP A 22 11.44 13.68 -16.80
N TRP A 23 10.95 14.47 -15.85
CA TRP A 23 11.37 14.30 -14.46
C TRP A 23 11.13 12.84 -14.03
N HIS A 24 9.99 12.26 -14.47
CA HIS A 24 9.71 10.84 -14.07
C HIS A 24 10.91 9.92 -14.35
N LYS A 25 11.56 10.13 -15.49
CA LYS A 25 12.69 9.30 -15.95
C LYS A 25 13.96 9.51 -15.15
N HIS A 26 14.16 10.73 -14.65
CA HIS A 26 15.33 11.08 -13.86
C HIS A 26 15.18 10.83 -12.36
N ASP A 27 13.98 10.66 -11.85
CA ASP A 27 13.78 10.43 -10.39
C ASP A 27 14.07 8.96 -10.08
N SER A 28 14.19 8.65 -8.80
CA SER A 28 14.29 7.27 -8.32
C SER A 28 13.24 7.11 -7.22
N LYS A 29 12.00 6.82 -7.60
CA LYS A 29 10.91 6.69 -6.61
C LYS A 29 10.86 5.32 -6.01
N ARG A 30 10.26 5.23 -4.82
CA ARG A 30 10.26 3.93 -4.10
C ARG A 30 9.04 3.93 -3.27
N MET A 31 8.31 2.80 -3.31
CA MET A 31 7.19 2.60 -2.36
C MET A 31 7.78 2.46 -0.95
N LEU A 32 7.34 3.31 -0.01
CA LEU A 32 7.96 3.32 1.37
C LEU A 32 7.08 2.54 2.32
N HIS A 33 5.83 2.89 2.47
CA HIS A 33 4.94 2.16 3.43
C HIS A 33 3.51 2.48 3.20
N ALA A 34 2.65 1.60 3.70
CA ALA A 34 1.25 1.89 3.84
C ALA A 34 0.99 2.29 5.26
N VAL A 35 0.20 3.32 5.44
CA VAL A 35 -0.13 3.80 6.77
C VAL A 35 -1.59 3.50 7.01
N TYR A 36 -1.89 2.87 8.14
CA TYR A 36 -3.29 2.60 8.45
C TYR A 36 -3.46 2.34 9.96
N ARG A 37 -4.72 2.32 10.39
CA ARG A 37 -5.04 2.41 11.84
C ARG A 37 -5.46 1.06 12.39
N VAL A 38 -5.09 0.82 13.66
CA VAL A 38 -5.35 -0.49 14.31
C VAL A 38 -5.94 -0.23 15.69
N GLY A 39 -6.91 -1.09 16.07
CA GLY A 39 -7.61 -1.01 17.37
C GLY A 39 -6.78 -1.40 18.57
N ASP A 40 -5.83 -2.31 18.33
CA ASP A 40 -5.02 -2.91 19.40
C ASP A 40 -3.62 -3.18 18.85
N LEU A 41 -2.70 -2.30 19.17
CA LEU A 41 -1.35 -2.34 18.58
C LEU A 41 -0.58 -3.62 18.92
N ASP A 42 -0.62 -4.00 20.21
CA ASP A 42 0.05 -5.21 20.60
C ASP A 42 -0.53 -6.46 19.94
N ARG A 43 -1.86 -6.51 19.75
CA ARG A 43 -2.51 -7.62 19.12
C ARG A 43 -2.08 -7.76 17.65
N THR A 44 -2.00 -6.59 16.98
CA THR A 44 -1.57 -6.64 15.57
C THR A 44 -0.11 -6.98 15.44
N ILE A 45 0.74 -6.39 16.28
CA ILE A 45 2.17 -6.73 16.26
C ILE A 45 2.35 -8.27 16.40
N LYS A 46 1.64 -8.84 17.37
CA LYS A 46 1.80 -10.27 17.64
C LYS A 46 1.31 -11.06 16.42
N TYR A 47 0.19 -10.64 15.84
CA TYR A 47 -0.32 -11.35 14.66
C TYR A 47 0.68 -11.23 13.48
N TYR A 48 1.20 -10.02 13.21
CA TYR A 48 2.11 -9.96 12.04
C TYR A 48 3.45 -10.69 12.22
N THR A 49 4.00 -10.63 13.44
CA THR A 49 5.29 -11.32 13.66
C THR A 49 5.08 -12.86 13.66
N GLU A 50 4.08 -13.31 14.39
CA GLU A 50 3.88 -14.76 14.58
C GLU A 50 3.19 -15.44 13.37
N CYS A 51 2.09 -14.86 12.87
CA CYS A 51 1.37 -15.42 11.71
C CYS A 51 2.10 -15.14 10.38
N PHE A 52 2.51 -13.88 10.18
CA PHE A 52 3.02 -13.50 8.88
C PHE A 52 4.53 -13.48 8.73
N GLY A 53 5.27 -13.64 9.84
CA GLY A 53 6.73 -13.65 9.84
C GLY A 53 7.36 -12.29 9.58
N MET A 54 6.61 -11.22 9.88
CA MET A 54 7.19 -9.89 9.77
C MET A 54 8.13 -9.63 10.93
N LYS A 55 8.99 -8.63 10.75
CA LYS A 55 9.83 -8.12 11.84
C LYS A 55 9.18 -6.88 12.38
N LEU A 56 9.28 -6.67 13.69
CA LEU A 56 8.95 -5.38 14.30
C LEU A 56 10.18 -4.54 14.14
N LEU A 57 10.03 -3.42 13.41
CA LEU A 57 11.21 -2.65 13.02
C LEU A 57 11.45 -1.53 14.00
N ARG A 58 10.42 -0.79 14.34
CA ARG A 58 10.48 0.44 15.18
C ARG A 58 9.11 0.59 15.81
N LYS A 59 9.09 1.17 17.00
CA LYS A 59 7.86 1.52 17.66
C LYS A 59 8.10 2.92 18.20
N ARG A 60 7.13 3.83 18.08
CA ARG A 60 7.26 5.21 18.57
C ARG A 60 5.99 5.65 19.27
N ASP A 61 6.10 5.98 20.55
CA ASP A 61 4.94 6.53 21.28
C ASP A 61 4.88 8.06 21.18
N VAL A 62 3.70 8.63 20.93
CA VAL A 62 3.56 10.09 20.71
C VAL A 62 2.43 10.65 21.64
N PRO A 63 2.62 10.60 22.99
CA PRO A 63 1.60 11.17 23.93
C PRO A 63 1.11 12.60 23.67
N ASP A 64 1.98 13.51 23.26
CA ASP A 64 1.53 14.88 22.96
C ASP A 64 0.41 14.92 21.92
N GLU A 65 0.39 13.95 21.01
CA GLU A 65 -0.58 13.90 19.90
C GLU A 65 -1.54 12.72 20.03
N LYS A 66 -1.40 11.99 21.13
CA LYS A 66 -2.27 10.89 21.52
C LYS A 66 -2.28 9.69 20.56
N TYR A 67 -1.10 9.29 20.11
CA TYR A 67 -1.01 8.03 19.33
C TYR A 67 0.30 7.26 19.54
N THR A 68 0.36 6.02 19.07
CA THR A 68 1.59 5.22 19.00
C THR A 68 1.73 4.62 17.60
N ASN A 69 2.95 4.60 17.06
CA ASN A 69 3.16 3.95 15.76
C ASN A 69 3.98 2.70 15.94
N ALA A 70 3.79 1.75 15.04
CA ALA A 70 4.72 0.64 14.93
C ALA A 70 4.97 0.44 13.44
N PHE A 71 6.19 0.04 13.09
CA PHE A 71 6.57 -0.16 11.71
C PHE A 71 7.02 -1.60 11.63
N LEU A 72 6.47 -2.34 10.66
CA LEU A 72 6.84 -3.77 10.48
C LEU A 72 7.08 -4.08 9.04
N GLY A 73 7.93 -5.05 8.75
CA GLY A 73 8.14 -5.49 7.37
C GLY A 73 9.14 -6.61 7.35
N PHE A 74 9.73 -6.86 6.22
CA PHE A 74 10.60 -8.03 6.03
C PHE A 74 12.07 -7.62 5.90
N GLY A 75 12.33 -6.31 5.94
CA GLY A 75 13.67 -5.77 5.91
C GLY A 75 13.67 -4.35 6.38
N PRO A 76 14.86 -3.72 6.46
CA PRO A 76 14.92 -2.38 7.04
C PRO A 76 14.26 -1.36 6.13
N GLU A 77 13.73 -0.32 6.73
CA GLU A 77 12.85 0.65 6.03
C GLU A 77 13.59 1.44 4.97
N ASN A 78 14.93 1.48 5.00
CA ASN A 78 15.68 2.17 3.93
C ASN A 78 15.73 1.41 2.63
N THR A 79 15.44 0.10 2.66
CA THR A 79 15.52 -0.76 1.45
C THR A 79 14.21 -1.41 1.17
N ASN A 80 13.34 -1.53 2.18
CA ASN A 80 12.10 -2.29 2.00
C ASN A 80 10.83 -1.49 2.26
N PHE A 81 9.71 -2.06 1.79
CA PHE A 81 8.41 -1.48 2.06
C PHE A 81 7.96 -1.97 3.44
N ALA A 82 7.18 -1.21 4.14
CA ALA A 82 6.74 -1.51 5.47
C ALA A 82 5.27 -1.20 5.68
N VAL A 83 4.68 -1.72 6.75
CA VAL A 83 3.42 -1.19 7.22
C VAL A 83 3.67 -0.26 8.37
N GLU A 84 3.03 0.93 8.34
CA GLU A 84 3.10 1.87 9.45
C GLU A 84 1.74 1.84 10.13
N LEU A 85 1.70 1.28 11.35
CA LEU A 85 0.46 1.12 12.08
C LEU A 85 0.26 2.32 13.00
N THR A 86 -0.96 2.84 13.03
CA THR A 86 -1.31 3.97 13.91
C THR A 86 -2.36 3.49 14.91
N TYR A 87 -1.99 3.57 16.21
CA TYR A 87 -2.93 3.29 17.24
C TYR A 87 -3.22 4.62 17.90
N ASN A 88 -4.51 4.96 17.89
CA ASN A 88 -5.04 6.21 18.49
C ASN A 88 -5.55 5.86 19.88
N TYR A 89 -5.07 6.60 20.88
CA TYR A 89 -5.45 6.30 22.26
C TYR A 89 -6.96 6.26 22.39
N GLY A 90 -7.41 5.12 22.88
CA GLY A 90 -8.83 4.87 23.26
C GLY A 90 -9.75 4.84 22.04
N VAL A 91 -9.22 4.34 20.92
CA VAL A 91 -9.97 4.07 19.70
C VAL A 91 -9.72 2.58 19.39
N ASP A 92 -10.75 1.73 19.50
CA ASP A 92 -10.54 0.29 19.34
C ASP A 92 -11.09 -0.35 18.03
N LYS A 93 -11.63 0.50 17.17
CA LYS A 93 -12.10 0.03 15.86
C LYS A 93 -12.24 1.15 14.86
N TYR A 94 -12.17 0.75 13.57
CA TYR A 94 -12.29 1.64 12.42
C TYR A 94 -13.19 1.03 11.38
N ASP A 95 -13.73 1.88 10.51
CA ASP A 95 -14.46 1.40 9.32
C ASP A 95 -13.44 1.11 8.22
N ILE A 96 -13.33 -0.14 7.83
CA ILE A 96 -12.45 -0.46 6.71
C ILE A 96 -12.98 0.18 5.41
N GLY A 97 -14.31 0.24 5.26
CA GLY A 97 -14.89 0.68 3.96
C GLY A 97 -14.83 -0.38 2.91
N THR A 98 -15.55 -0.08 1.80
CA THR A 98 -15.63 -1.03 0.71
C THR A 98 -14.54 -0.91 -0.34
N GLY A 99 -13.82 0.22 -0.38
CA GLY A 99 -12.83 0.37 -1.44
C GLY A 99 -11.49 -0.30 -1.17
N PHE A 100 -11.14 -0.40 0.13
CA PHE A 100 -9.82 -0.95 0.43
C PHE A 100 -9.71 -2.46 0.15
N GLY A 101 -8.76 -2.88 -0.66
CA GLY A 101 -8.72 -4.28 -1.05
C GLY A 101 -7.95 -5.17 -0.09
N HIS A 102 -6.62 -5.14 -0.24
CA HIS A 102 -5.74 -6.01 0.61
C HIS A 102 -4.29 -5.55 0.56
N PHE A 103 -3.48 -6.03 1.49
CA PHE A 103 -2.05 -6.03 1.36
C PHE A 103 -1.70 -7.41 0.91
N ALA A 104 -0.58 -7.57 0.24
CA ALA A 104 -0.18 -8.95 -0.09
C ALA A 104 1.19 -9.27 0.40
N ILE A 105 1.36 -10.58 0.73
CA ILE A 105 2.64 -11.11 1.13
C ILE A 105 3.02 -12.23 0.16
N ALA A 106 4.16 -12.12 -0.48
CA ALA A 106 4.68 -13.14 -1.36
C ALA A 106 5.52 -14.10 -0.50
N ASN A 107 5.39 -15.39 -0.79
CA ASN A 107 6.12 -16.38 -0.02
C ASN A 107 6.35 -17.59 -0.92
N ASP A 108 7.46 -18.32 -0.71
CA ASP A 108 7.75 -19.44 -1.62
C ASP A 108 6.91 -20.75 -1.34
N ASP A 109 6.15 -20.77 -0.26
CA ASP A 109 5.31 -21.90 0.06
C ASP A 109 4.10 -21.42 0.80
N VAL A 110 3.06 -21.08 0.04
CA VAL A 110 1.84 -20.55 0.61
C VAL A 110 1.06 -21.56 1.42
N TYR A 111 1.21 -22.87 1.11
CA TYR A 111 0.60 -23.85 1.95
C TYR A 111 1.25 -23.86 3.36
N LYS A 112 2.56 -23.82 3.37
CA LYS A 112 3.32 -23.73 4.61
C LYS A 112 2.89 -22.49 5.39
N LEU A 113 2.84 -21.33 4.71
CA LEU A 113 2.49 -20.14 5.42
C LEU A 113 1.04 -20.14 5.96
N ALA A 114 0.07 -20.55 5.11
CA ALA A 114 -1.30 -20.64 5.56
C ALA A 114 -1.47 -21.54 6.75
N GLU A 115 -0.73 -22.66 6.77
CA GLU A 115 -0.88 -23.56 7.89
C GLU A 115 -0.22 -23.01 9.14
N ASN A 116 0.87 -22.24 8.96
CA ASN A 116 1.41 -21.52 10.08
C ASN A 116 0.38 -20.52 10.67
N ILE A 117 -0.28 -19.77 9.79
CA ILE A 117 -1.27 -18.79 10.26
C ILE A 117 -2.38 -19.48 11.06
N LYS A 118 -2.88 -20.61 10.54
CA LYS A 118 -3.91 -21.38 11.24
C LYS A 118 -3.40 -21.89 12.61
N SER A 119 -2.14 -22.36 12.62
CA SER A 119 -1.57 -22.88 13.86
C SER A 119 -1.51 -21.82 14.95
N LYS A 120 -1.18 -20.60 14.55
CA LYS A 120 -1.02 -19.46 15.45
C LYS A 120 -2.35 -18.84 15.88
N GLY A 121 -3.45 -19.34 15.32
CA GLY A 121 -4.79 -18.93 15.70
C GLY A 121 -5.24 -17.79 14.80
N GLY A 122 -4.56 -17.63 13.66
CA GLY A 122 -4.96 -16.57 12.66
C GLY A 122 -6.15 -17.04 11.86
N LYS A 123 -6.66 -16.19 10.96
CA LYS A 123 -7.86 -16.49 10.20
C LYS A 123 -7.48 -16.65 8.73
N ILE A 124 -7.66 -17.82 8.15
CA ILE A 124 -7.57 -18.04 6.71
C ILE A 124 -9.00 -18.01 6.20
N THR A 125 -9.31 -17.07 5.30
CA THR A 125 -10.66 -16.92 4.75
C THR A 125 -10.77 -17.53 3.34
N ARG A 126 -9.65 -17.84 2.71
CA ARG A 126 -9.61 -18.40 1.38
C ARG A 126 -8.44 -19.32 1.40
N GLU A 127 -8.76 -20.63 1.42
CA GLU A 127 -7.67 -21.62 1.45
C GLU A 127 -6.72 -21.59 0.27
N PRO A 128 -5.44 -21.99 0.49
CA PRO A 128 -4.48 -21.93 -0.62
C PRO A 128 -4.86 -22.75 -1.81
N GLY A 129 -4.60 -22.22 -3.00
CA GLY A 129 -4.89 -22.88 -4.27
C GLY A 129 -4.82 -21.90 -5.42
N PRO A 130 -4.85 -22.39 -6.69
CA PRO A 130 -4.75 -21.46 -7.84
C PRO A 130 -5.86 -20.42 -7.84
N VAL A 131 -5.54 -19.23 -8.34
CA VAL A 131 -6.53 -18.16 -8.44
C VAL A 131 -7.64 -18.64 -9.41
N LYS A 132 -8.90 -18.31 -9.09
CA LYS A 132 -10.05 -18.73 -9.92
C LYS A 132 -9.95 -18.22 -11.35
N GLY A 133 -9.69 -19.14 -12.26
CA GLY A 133 -9.51 -18.83 -13.68
C GLY A 133 -8.06 -18.81 -14.14
N GLY A 134 -7.13 -18.73 -13.18
CA GLY A 134 -5.69 -18.69 -13.46
C GLY A 134 -4.93 -19.83 -12.83
N SER A 135 -3.63 -19.63 -12.62
CA SER A 135 -2.73 -20.66 -12.15
C SER A 135 -1.90 -20.35 -10.88
N THR A 136 -1.59 -19.08 -10.64
CA THR A 136 -0.88 -18.65 -9.43
C THR A 136 -1.60 -19.11 -8.13
N VAL A 137 -0.85 -19.77 -7.24
CA VAL A 137 -1.40 -20.20 -5.95
C VAL A 137 -1.45 -19.00 -5.02
N ILE A 138 -2.65 -18.75 -4.52
CA ILE A 138 -2.94 -17.67 -3.60
C ILE A 138 -3.72 -18.21 -2.40
N ALA A 139 -3.75 -17.45 -1.31
CA ALA A 139 -4.66 -17.64 -0.20
C ALA A 139 -5.04 -16.27 0.37
N PHE A 140 -6.03 -16.20 1.26
CA PHE A 140 -6.32 -14.94 1.98
C PHE A 140 -6.41 -15.14 3.48
N ALA A 141 -5.80 -14.23 4.23
CA ALA A 141 -5.89 -14.19 5.67
C ALA A 141 -6.57 -12.89 6.04
N GLN A 142 -7.26 -12.83 7.18
CA GLN A 142 -7.85 -11.63 7.71
C GLN A 142 -7.17 -11.27 9.02
N ASP A 143 -6.76 -9.99 9.17
CA ASP A 143 -6.01 -9.60 10.36
C ASP A 143 -7.00 -9.18 11.49
N PRO A 144 -6.50 -8.82 12.67
CA PRO A 144 -7.43 -8.56 13.78
C PRO A 144 -8.43 -7.45 13.53
N ASP A 145 -8.08 -6.41 12.74
CA ASP A 145 -9.04 -5.34 12.47
C ASP A 145 -9.93 -5.58 11.27
N GLY A 146 -9.70 -6.63 10.49
CA GLY A 146 -10.49 -6.89 9.30
C GLY A 146 -9.76 -6.63 8.00
N TYR A 147 -8.51 -6.15 8.08
CA TYR A 147 -7.76 -5.98 6.84
C TYR A 147 -7.44 -7.31 6.21
N MET A 148 -7.73 -7.47 4.92
CA MET A 148 -7.34 -8.65 4.18
C MET A 148 -5.89 -8.68 3.74
N PHE A 149 -5.24 -9.82 3.90
CA PHE A 149 -3.92 -10.07 3.36
C PHE A 149 -3.98 -11.19 2.33
N GLN A 150 -3.61 -10.91 1.09
CA GLN A 150 -3.46 -11.98 0.14
C GLN A 150 -2.07 -12.60 0.35
N LEU A 151 -2.01 -13.93 0.23
CA LEU A 151 -0.75 -14.63 0.23
C LEU A 151 -0.54 -15.11 -1.17
N ILE A 152 0.64 -14.84 -1.74
CA ILE A 152 0.88 -15.14 -3.15
C ILE A 152 2.13 -16.00 -3.25
N GLN A 153 2.02 -17.16 -3.90
CA GLN A 153 3.20 -18.01 -4.05
C GLN A 153 4.17 -17.46 -5.07
N ARG A 154 5.40 -17.24 -4.64
CA ARG A 154 6.40 -16.55 -5.47
C ARG A 154 7.75 -17.08 -5.00
N ALA A 155 8.62 -17.41 -5.96
CA ALA A 155 9.85 -18.17 -5.65
C ALA A 155 10.87 -17.46 -4.80
N ASP A 156 11.13 -16.18 -5.06
CA ASP A 156 12.28 -15.59 -4.37
C ASP A 156 12.33 -14.08 -4.44
N THR A 157 11.45 -13.36 -3.77
CA THR A 157 11.51 -11.94 -4.05
C THR A 157 12.32 -11.17 -3.04
N PRO A 158 12.95 -10.05 -3.47
CA PRO A 158 13.54 -9.15 -2.51
C PRO A 158 12.50 -8.39 -1.72
N GLU A 159 11.22 -8.49 -2.09
CA GLU A 159 10.20 -7.72 -1.36
C GLU A 159 8.92 -8.53 -1.09
N PRO A 160 8.85 -9.24 0.01
CA PRO A 160 7.65 -10.02 0.32
C PRO A 160 6.38 -9.21 0.49
N LEU A 161 6.52 -7.98 0.95
CA LEU A 161 5.32 -7.16 1.19
C LEU A 161 5.09 -6.44 -0.10
N CYS A 162 4.26 -7.05 -0.95
CA CYS A 162 4.47 -6.86 -2.41
C CYS A 162 3.29 -6.17 -3.14
N GLN A 163 2.19 -5.98 -2.43
CA GLN A 163 1.00 -5.21 -3.05
C GLN A 163 0.28 -4.43 -2.03
N VAL A 164 -0.28 -3.27 -2.48
CA VAL A 164 -1.39 -2.63 -1.84
C VAL A 164 -2.47 -2.67 -2.93
N MET A 165 -3.61 -3.29 -2.62
CA MET A 165 -4.70 -3.32 -3.65
C MET A 165 -5.83 -2.42 -3.19
N LEU A 166 -6.25 -1.51 -4.12
CA LEU A 166 -7.36 -0.57 -3.93
C LEU A 166 -8.34 -0.69 -5.04
N ARG A 167 -9.63 -0.52 -4.70
CA ARG A 167 -10.69 -0.56 -5.74
C ARG A 167 -10.85 0.86 -6.31
N VAL A 168 -11.18 0.92 -7.60
CA VAL A 168 -11.32 2.21 -8.30
C VAL A 168 -12.55 2.12 -9.22
N GLY A 169 -13.09 3.28 -9.54
CA GLY A 169 -14.34 3.40 -10.34
C GLY A 169 -14.13 3.38 -11.82
N ASP A 170 -12.95 3.74 -12.29
CA ASP A 170 -12.63 3.77 -13.76
C ASP A 170 -11.19 3.39 -13.93
N LEU A 171 -10.96 2.14 -14.35
CA LEU A 171 -9.61 1.63 -14.39
C LEU A 171 -8.71 2.41 -15.34
N GLU A 172 -9.26 2.72 -16.51
CA GLU A 172 -8.46 3.46 -17.50
C GLU A 172 -8.08 4.86 -16.97
N ARG A 173 -8.99 5.54 -16.27
CA ARG A 173 -8.67 6.88 -15.70
CA ARG A 173 -8.67 6.88 -15.71
C ARG A 173 -7.56 6.72 -14.65
N SER A 174 -7.68 5.67 -13.81
CA SER A 174 -6.69 5.47 -12.74
C SER A 174 -5.29 5.12 -13.30
N ILE A 175 -5.21 4.20 -14.28
CA ILE A 175 -3.94 3.85 -14.92
C ILE A 175 -3.28 5.14 -15.46
N LYS A 176 -4.05 5.96 -16.21
CA LYS A 176 -3.49 7.19 -16.76
C LYS A 176 -2.97 8.08 -15.65
N PHE A 177 -3.74 8.19 -14.57
CA PHE A 177 -3.40 9.04 -13.44
C PHE A 177 -2.08 8.61 -12.81
N TYR A 178 -1.99 7.33 -12.46
CA TYR A 178 -0.70 6.86 -11.84
C TYR A 178 0.50 6.92 -12.71
N GLU A 179 0.30 6.73 -14.03
CA GLU A 179 1.41 6.94 -14.98
C GLU A 179 1.85 8.43 -15.03
N LYS A 180 0.88 9.34 -15.13
CA LYS A 180 1.25 10.74 -15.43
C LYS A 180 1.56 11.48 -14.13
N ALA A 181 0.82 11.19 -13.08
CA ALA A 181 0.98 11.89 -11.81
C ALA A 181 2.20 11.36 -11.09
N LEU A 182 2.44 10.07 -11.18
CA LEU A 182 3.46 9.43 -10.35
C LEU A 182 4.61 8.73 -11.03
N GLY A 183 4.63 8.66 -12.38
CA GLY A 183 5.71 8.04 -13.10
C GLY A 183 5.70 6.53 -12.97
N MET A 184 4.54 5.96 -12.54
CA MET A 184 4.47 4.51 -12.47
C MET A 184 4.39 3.91 -13.82
N LYS A 185 4.97 2.73 -13.96
CA LYS A 185 4.75 1.95 -15.20
C LYS A 185 3.52 1.04 -15.01
N LEU A 186 2.71 0.87 -16.08
CA LEU A 186 1.70 -0.18 -16.10
C LEU A 186 2.37 -1.52 -16.32
N LEU A 187 2.44 -2.32 -15.28
CA LEU A 187 3.15 -3.57 -15.33
C LEU A 187 2.29 -4.70 -15.89
N ARG A 188 1.02 -4.68 -15.50
CA ARG A 188 0.08 -5.73 -15.86
C ARG A 188 -1.34 -5.15 -15.97
N LYS A 189 -2.08 -5.59 -16.99
CA LYS A 189 -3.52 -5.29 -17.06
C LYS A 189 -4.24 -6.59 -17.45
N LYS A 190 -5.23 -6.97 -16.64
CA LYS A 190 -5.88 -8.27 -16.88
C LYS A 190 -7.36 -8.15 -16.63
N ASP A 191 -8.14 -8.53 -17.67
CA ASP A 191 -9.59 -8.52 -17.59
C ASP A 191 -10.02 -9.96 -17.25
N VAL A 192 -10.99 -10.07 -16.33
CA VAL A 192 -11.46 -11.37 -15.86
C VAL A 192 -13.00 -11.37 -16.03
N PRO A 193 -13.49 -11.46 -17.29
CA PRO A 193 -14.94 -11.32 -17.54
C PRO A 193 -15.79 -12.38 -16.87
N ASP A 194 -15.28 -13.59 -16.71
CA ASP A 194 -16.04 -14.63 -15.99
C ASP A 194 -16.47 -14.19 -14.57
N TYR A 195 -15.67 -13.30 -13.94
CA TYR A 195 -15.94 -12.83 -12.59
C TYR A 195 -16.14 -11.31 -12.53
N LYS A 196 -16.34 -10.70 -13.67
CA LYS A 196 -16.72 -9.29 -13.84
C LYS A 196 -15.81 -8.28 -13.10
N TYR A 197 -14.52 -8.50 -13.30
CA TYR A 197 -13.53 -7.54 -12.78
C TYR A 197 -12.36 -7.41 -13.73
N THR A 198 -11.60 -6.29 -13.56
CA THR A 198 -10.38 -6.11 -14.31
C THR A 198 -9.36 -5.54 -13.31
N ILE A 199 -8.12 -5.98 -13.47
CA ILE A 199 -7.06 -5.44 -12.56
C ILE A 199 -5.94 -4.79 -13.33
N ALA A 200 -5.26 -3.88 -12.66
CA ALA A 200 -3.97 -3.35 -13.18
C ALA A 200 -2.97 -3.38 -12.06
N MET A 201 -1.69 -3.62 -12.42
CA MET A 201 -0.62 -3.41 -11.45
CA MET A 201 -0.59 -3.51 -11.47
C MET A 201 0.31 -2.39 -11.97
N LEU A 202 0.62 -1.45 -11.06
CA LEU A 202 1.47 -0.30 -11.41
C LEU A 202 2.66 -0.25 -10.44
N GLY A 203 3.82 0.23 -10.90
CA GLY A 203 4.90 0.41 -9.89
C GLY A 203 6.16 0.87 -10.55
N TYR A 204 7.26 0.76 -9.82
CA TYR A 204 8.57 1.32 -10.24
C TYR A 204 9.64 0.34 -10.59
N ALA A 205 9.31 -0.94 -10.70
CA ALA A 205 10.22 -2.01 -11.05
C ALA A 205 9.37 -3.22 -11.44
N ASP A 206 10.00 -4.31 -11.91
CA ASP A 206 9.25 -5.54 -12.26
C ASP A 206 8.37 -5.97 -11.10
N GLU A 207 7.15 -6.40 -11.40
CA GLU A 207 6.17 -6.78 -10.38
C GLU A 207 6.76 -7.74 -9.34
N ASP A 208 7.48 -8.77 -9.79
CA ASP A 208 7.95 -9.80 -8.87
C ASP A 208 9.15 -9.38 -8.07
N LYS A 209 9.63 -8.15 -8.26
CA LYS A 209 10.76 -7.69 -7.47
C LYS A 209 10.43 -6.51 -6.56
N THR A 210 9.16 -6.09 -6.53
CA THR A 210 8.85 -4.86 -5.95
C THR A 210 7.47 -4.83 -5.23
N THR A 211 7.07 -3.68 -4.68
CA THR A 211 5.75 -3.50 -4.17
C THR A 211 4.94 -2.80 -5.23
N VAL A 212 3.85 -3.42 -5.67
CA VAL A 212 3.03 -2.79 -6.71
C VAL A 212 1.78 -2.20 -6.10
N LEU A 213 1.19 -1.20 -6.79
CA LEU A 213 -0.12 -0.85 -6.52
C LEU A 213 -1.05 -1.64 -7.48
N GLU A 214 -1.93 -2.42 -6.90
CA GLU A 214 -2.92 -3.21 -7.70
C GLU A 214 -4.22 -2.45 -7.60
N LEU A 215 -4.79 -2.14 -8.75
CA LEU A 215 -6.09 -1.43 -8.81
C LEU A 215 -7.09 -2.38 -9.41
N THR A 216 -8.23 -2.47 -8.74
CA THR A 216 -9.30 -3.38 -9.19
C THR A 216 -10.59 -2.60 -9.53
N TYR A 217 -11.10 -2.89 -10.73
CA TYR A 217 -12.39 -2.36 -11.16
C TYR A 217 -13.39 -3.54 -11.20
N ASN A 218 -14.57 -3.34 -10.61
CA ASN A 218 -15.70 -4.34 -10.71
C ASN A 218 -16.73 -3.75 -11.66
N TYR A 219 -17.22 -4.59 -12.58
CA TYR A 219 -17.97 -4.06 -13.73
C TYR A 219 -19.20 -3.31 -13.19
N GLY A 220 -19.34 -2.08 -13.67
CA GLY A 220 -20.45 -1.21 -13.36
C GLY A 220 -20.43 -0.53 -12.01
N VAL A 221 -19.33 -0.71 -11.26
CA VAL A 221 -19.23 -0.17 -9.90
C VAL A 221 -18.31 1.04 -9.97
N THR A 222 -18.83 2.22 -9.60
CA THR A 222 -18.05 3.43 -9.81
C THR A 222 -17.66 4.07 -8.54
N GLU A 223 -18.23 3.66 -7.41
CA GLU A 223 -17.95 4.35 -6.16
C GLU A 223 -17.70 3.37 -5.06
N TYR A 224 -16.80 3.72 -4.15
CA TYR A 224 -16.57 2.91 -2.94
C TYR A 224 -16.34 3.81 -1.75
N SER A 225 -16.63 3.30 -0.57
CA SER A 225 -16.26 4.09 0.62
C SER A 225 -14.79 3.95 0.96
N LYS A 226 -14.19 5.08 1.33
CA LYS A 226 -12.74 5.09 1.66
C LYS A 226 -12.55 4.64 3.10
N GLY A 227 -13.63 4.55 3.88
CA GLY A 227 -13.46 4.17 5.30
C GLY A 227 -12.66 5.22 6.07
N ASN A 228 -12.19 4.82 7.24
CA ASN A 228 -11.34 5.70 8.05
C ASN A 228 -10.21 4.87 8.66
N ALA A 229 -9.96 3.67 8.11
CA ALA A 229 -8.92 2.77 8.58
C ALA A 229 -7.60 2.91 7.81
N TYR A 230 -7.65 2.64 6.52
CA TYR A 230 -6.52 2.87 5.64
C TYR A 230 -6.32 4.39 5.51
N ALA A 231 -5.07 4.84 5.75
CA ALA A 231 -4.83 6.30 5.67
C ALA A 231 -4.25 6.68 4.32
N GLN A 232 -3.10 6.12 4.00
CA GLN A 232 -2.35 6.50 2.76
C GLN A 232 -1.23 5.58 2.39
N VAL A 233 -0.66 5.74 1.20
CA VAL A 233 0.62 5.10 0.86
C VAL A 233 1.65 6.23 0.70
N ALA A 234 2.83 6.01 1.18
CA ALA A 234 3.91 6.99 1.03
C ALA A 234 4.91 6.50 0.01
N ILE A 235 5.35 7.40 -0.86
CA ILE A 235 6.23 7.09 -1.95
C ILE A 235 7.41 8.08 -1.86
N GLY A 236 8.63 7.57 -1.98
CA GLY A 236 9.80 8.45 -1.84
C GLY A 236 10.17 8.97 -3.20
N THR A 237 10.78 10.15 -3.20
CA THR A 237 11.18 10.83 -4.42
C THR A 237 12.45 11.66 -4.12
N ASN A 238 13.27 11.87 -5.14
CA ASN A 238 14.45 12.69 -4.95
C ASN A 238 14.05 14.15 -4.85
N ASP A 239 12.79 14.52 -5.17
CA ASP A 239 12.43 15.96 -5.12
C ASP A 239 10.93 16.11 -5.10
N VAL A 240 10.39 16.43 -3.94
CA VAL A 240 8.97 16.51 -3.74
C VAL A 240 8.36 17.66 -4.56
N TYR A 241 9.16 18.68 -4.83
CA TYR A 241 8.64 19.83 -5.60
C TYR A 241 8.44 19.43 -7.07
N LYS A 242 9.44 18.82 -7.68
CA LYS A 242 9.28 18.31 -9.06
C LYS A 242 8.19 17.28 -9.14
N SER A 243 8.13 16.39 -8.15
CA SER A 243 7.12 15.35 -8.27
C SER A 243 5.74 15.88 -8.04
N ALA A 244 5.56 16.89 -7.15
CA ALA A 244 4.26 17.50 -6.95
C ALA A 244 3.77 18.27 -8.18
N GLU A 245 4.69 18.85 -8.95
CA GLU A 245 4.31 19.55 -10.22
C GLU A 245 3.67 18.56 -11.17
N ALA A 246 4.22 17.36 -11.22
CA ALA A 246 3.68 16.35 -12.10
C ALA A 246 2.26 15.96 -11.60
N VAL A 247 2.10 15.80 -10.29
CA VAL A 247 0.77 15.56 -9.69
C VAL A 247 -0.20 16.69 -10.00
N ASP A 248 0.27 17.91 -9.86
CA ASP A 248 -0.62 19.02 -10.12
C ASP A 248 -1.16 18.97 -11.58
N LEU A 249 -0.27 18.74 -12.54
CA LEU A 249 -0.66 18.59 -13.98
C LEU A 249 -1.63 17.45 -14.23
N ALA A 250 -1.37 16.31 -13.61
CA ALA A 250 -2.25 15.18 -13.75
C ALA A 250 -3.65 15.42 -13.17
N THR A 251 -3.73 16.07 -12.01
CA THR A 251 -5.01 16.40 -11.39
C THR A 251 -5.81 17.45 -12.18
N LYS A 252 -5.19 18.44 -12.87
CA LYS A 252 -5.89 19.35 -13.73
C LYS A 252 -6.60 18.61 -14.90
N GLU A 253 -6.03 17.47 -15.30
CA GLU A 253 -6.53 16.75 -16.49
C GLU A 253 -7.47 15.63 -16.07
N LEU A 254 -7.08 14.90 -15.01
CA LEU A 254 -7.66 13.58 -14.76
C LEU A 254 -8.48 13.47 -13.48
N GLY A 255 -8.34 14.41 -12.58
CA GLY A 255 -9.06 14.32 -11.34
C GLY A 255 -8.06 14.09 -10.22
N GLY A 256 -8.58 14.12 -8.99
CA GLY A 256 -7.71 14.16 -7.78
C GLY A 256 -7.38 15.58 -7.44
N LYS A 257 -6.69 15.77 -6.32
CA LYS A 257 -6.50 17.09 -5.71
C LYS A 257 -5.25 17.05 -4.87
N ILE A 258 -4.46 18.13 -4.89
CA ILE A 258 -3.36 18.31 -3.93
C ILE A 258 -3.96 18.63 -2.59
N LEU A 259 -3.46 17.95 -1.55
CA LEU A 259 -3.78 18.27 -0.18
C LEU A 259 -2.72 19.24 0.35
N ARG A 260 -1.53 18.76 0.55
CA ARG A 260 -0.48 19.59 1.13
C ARG A 260 0.47 19.85 -0.03
N GLN A 261 0.67 21.15 -0.34
CA GLN A 261 1.71 21.50 -1.29
C GLN A 261 3.13 21.14 -0.79
N PRO A 262 4.08 20.96 -1.74
CA PRO A 262 5.47 20.53 -1.39
C PRO A 262 6.15 21.47 -0.45
N GLY A 263 6.78 20.95 0.60
CA GLY A 263 7.59 21.78 1.49
C GLY A 263 7.94 21.00 2.75
N PRO A 264 8.87 21.55 3.55
CA PRO A 264 9.29 21.01 4.80
C PRO A 264 8.18 21.10 5.84
N LEU A 265 8.04 20.04 6.63
CA LEU A 265 7.10 20.05 7.76
C LEU A 265 7.59 20.98 8.88
N PRO A 266 6.64 21.55 9.66
CA PRO A 266 7.04 22.49 10.71
C PRO A 266 7.98 21.83 11.72
N GLY A 267 9.12 22.47 11.97
CA GLY A 267 10.11 22.02 12.95
C GLY A 267 11.10 21.00 12.43
N ILE A 268 10.58 19.88 11.89
CA ILE A 268 11.42 18.76 11.44
C ILE A 268 12.28 19.09 10.21
N ASN A 269 11.72 19.87 9.29
CA ASN A 269 12.33 20.15 7.95
C ASN A 269 12.27 18.95 6.95
N THR A 270 11.41 17.97 7.22
CA THR A 270 11.21 16.81 6.33
C THR A 270 10.23 17.24 5.22
N LYS A 271 10.70 17.12 3.97
CA LYS A 271 9.96 17.67 2.82
C LYS A 271 8.96 16.61 2.34
N ILE A 272 7.70 16.98 2.30
CA ILE A 272 6.63 16.11 1.78
C ILE A 272 5.66 16.89 0.89
N ALA A 273 4.85 16.17 0.14
CA ALA A 273 3.65 16.75 -0.47
C ALA A 273 2.59 15.67 -0.39
N SER A 274 1.32 16.04 -0.48
CA SER A 274 0.29 14.97 -0.40
C SER A 274 -0.88 15.32 -1.27
N PHE A 275 -1.62 14.29 -1.69
CA PHE A 275 -2.73 14.48 -2.61
C PHE A 275 -3.65 13.29 -2.54
N VAL A 276 -4.83 13.44 -3.13
CA VAL A 276 -5.70 12.28 -3.37
C VAL A 276 -5.77 12.03 -4.86
N ASP A 277 -5.96 10.77 -5.21
CA ASP A 277 -6.15 10.34 -6.60
C ASP A 277 -7.64 10.58 -7.04
N PRO A 278 -7.98 10.21 -8.29
CA PRO A 278 -9.35 10.49 -8.76
C PRO A 278 -10.47 9.79 -7.98
N ASP A 279 -10.13 8.73 -7.25
CA ASP A 279 -11.09 8.06 -6.39
C ASP A 279 -11.06 8.50 -4.93
N GLY A 280 -10.10 9.37 -4.58
CA GLY A 280 -9.98 9.82 -3.23
C GLY A 280 -8.96 9.09 -2.37
N TRP A 281 -8.16 8.22 -2.97
CA TRP A 281 -7.14 7.52 -2.15
C TRP A 281 -6.01 8.50 -1.95
N LYS A 282 -5.47 8.54 -0.73
CA LYS A 282 -4.37 9.48 -0.38
C LYS A 282 -2.97 8.94 -0.61
N VAL A 283 -2.09 9.77 -1.17
CA VAL A 283 -0.71 9.44 -1.39
C VAL A 283 0.12 10.55 -0.77
N VAL A 284 1.17 10.18 -0.06
CA VAL A 284 2.15 11.18 0.43
C VAL A 284 3.48 10.93 -0.29
N LEU A 285 4.05 11.99 -0.91
CA LEU A 285 5.41 11.97 -1.47
C LEU A 285 6.37 12.50 -0.38
N VAL A 286 7.44 11.75 -0.13
CA VAL A 286 8.42 12.10 0.90
C VAL A 286 9.78 12.15 0.27
N ASP A 287 10.56 13.21 0.61
CA ASP A 287 11.91 13.28 0.13
C ASP A 287 12.70 12.04 0.58
N ASN A 288 13.40 11.41 -0.36
CA ASN A 288 14.10 10.11 -0.13
C ASN A 288 15.17 10.21 0.97
N THR A 289 15.82 11.38 1.07
CA THR A 289 16.88 11.53 2.07
C THR A 289 16.28 11.91 3.38
N ASP A 290 15.32 12.86 3.41
CA ASP A 290 14.60 13.20 4.61
C ASP A 290 13.93 12.00 5.30
N PHE A 291 13.43 11.10 4.48
CA PHE A 291 12.78 9.90 4.98
C PHE A 291 13.75 9.16 5.92
N LEU A 292 15.02 9.17 5.57
CA LEU A 292 16.02 8.39 6.37
C LEU A 292 16.18 8.96 7.79
N LYS A 293 15.84 10.24 7.96
CA LYS A 293 16.05 10.91 9.27
C LYS A 293 15.31 10.27 10.44
N GLU A 294 14.18 9.60 10.23
CA GLU A 294 13.49 8.85 11.37
C GLU A 294 13.79 7.35 11.58
N LEU A 295 14.40 6.79 10.59
CA LEU A 295 14.62 5.34 10.60
C LEU A 295 15.68 4.79 11.61
N HIS A 296 15.51 5.05 12.87
CA HIS A 296 16.51 4.68 13.88
C HIS A 296 15.72 4.24 15.10
CO CO B . -3.60 -8.92 -5.03
N1 GSH C . -14.71 -8.43 -6.66
CA1 GSH C . -13.29 -8.68 -6.38
C1 GSH C . -12.75 -7.55 -5.54
O11 GSH C . -11.92 -7.81 -4.60
O12 GSH C . -13.24 -6.41 -5.73
CB1 GSH C . -12.60 -8.70 -7.75
CG1 GSH C . -11.11 -9.01 -7.67
CD1 GSH C . -10.76 -10.48 -7.51
OE1 GSH C . -11.65 -11.33 -7.37
N2 GSH C . -9.41 -10.73 -7.51
CA2 GSH C . -8.89 -12.09 -7.36
C2 GSH C . -9.54 -12.77 -6.15
O2 GSH C . -9.59 -12.21 -5.08
CB2 GSH C . -7.35 -12.18 -7.37
SG2 GSH C . -6.67 -11.26 -8.80
N3 GSH C . -10.08 -13.96 -6.41
CA3 GSH C . -10.74 -14.78 -5.42
C3 GSH C . -10.34 -16.27 -5.51
O31 GSH C . -9.54 -16.68 -6.40
O32 GSH C . -10.84 -17.01 -4.62
C FMT D . -16.53 -1.27 8.09
O1 FMT D . -16.44 -0.72 6.98
O2 FMT D . -15.48 -1.83 8.64
C FMT E . 19.87 4.51 2.44
O1 FMT E . 19.73 4.94 1.27
O2 FMT E . 19.69 3.19 2.57
C FMT F . -2.40 8.50 10.25
O1 FMT F . -3.08 9.44 9.90
O2 FMT F . -3.02 7.46 10.79
C FMT G . -4.89 11.21 7.07
O1 FMT G . -5.81 10.40 6.98
O2 FMT G . -3.65 10.91 6.70
C FMT H . -2.49 -10.82 -17.92
O1 FMT H . -2.45 -11.52 -18.90
O2 FMT H . -1.84 -11.27 -16.85
#